data_4CH6
#
_entry.id   4CH6
#
_cell.length_a   104.933
_cell.length_b   104.933
_cell.length_c   70.964
_cell.angle_alpha   90.00
_cell.angle_beta   90.00
_cell.angle_gamma   120.00
#
_symmetry.space_group_name_H-M   'P 64'
#
loop_
_entity.id
_entity.type
_entity.pdbx_description
1 polymer 'PYRROLYSINE--TRNA LIGASE'
2 non-polymer '(S)-2-amino-6-(((prop-2-yn-1-yloxy)carbonyl)amino)hexanoic (((2R,3S,4R,5R)-5-(6-amino-9H-purin-9-yl)-3,4-dihydroxytetrahydrofuran-2-yl)methyl phosphoric)anhydride'
3 non-polymer 'MAGNESIUM ION'
4 non-polymer 1,2-ETHANEDIOL
5 water water
#
_entity_poly.entity_id   1
_entity_poly.type   'polypeptide(L)'
_entity_poly.pdbx_seq_one_letter_code
;MGSSHHHHHHSSGLVPRGSHMASAPALTKSQTDRLEVLLNPKDEISLNSGKPFRELESELLSRRKKDLQQIYAEERENYL
GKLEREITRFFVDRGFLEIKSPILIPLEYIERMGIDNDTELSKQIFRVDKNFCLRPMLAPNLYNYLRKLDRALPDPIKIF
EIGPCYRKESDGKEHLEEFTMLNFCQMGSGCTRENLESIITDFLNHLGIDFKIVGDSCMVYGDTLDVMHGDLELSSAVVG
PIPLDREWGIDKPWIGAGFGLERLLKVKHDFKNIKRAARSESYYNGISTNL
;
_entity_poly.pdbx_strand_id   A
#
loop_
_chem_comp.id
_chem_comp.type
_chem_comp.name
_chem_comp.formula
EDO non-polymer 1,2-ETHANEDIOL 'C2 H6 O2'
MG non-polymer 'MAGNESIUM ION' 'Mg 2'
YLA non-polymer '(S)-2-amino-6-(((prop-2-yn-1-yloxy)carbonyl)amino)hexanoic (((2R,3S,4R,5R)-5-(6-amino-9H-purin-9-yl)-3,4-dihydroxytetrahydrofuran-2-yl)methyl phosphoric)anhydride' 'C20 H28 N7 O10 P'
#
# COMPACT_ATOMS: atom_id res chain seq x y z
N PRO A 25 23.46 -26.60 -24.05
CA PRO A 25 22.13 -26.94 -23.54
C PRO A 25 21.36 -25.70 -23.07
N ALA A 26 20.10 -25.59 -23.47
CA ALA A 26 19.24 -24.48 -23.06
C ALA A 26 18.98 -24.59 -21.55
N LEU A 27 18.70 -23.48 -20.89
CA LEU A 27 18.31 -23.49 -19.48
C LEU A 27 16.98 -24.16 -19.31
N THR A 28 16.81 -24.95 -18.26
CA THR A 28 15.47 -25.46 -17.95
C THR A 28 14.59 -24.34 -17.41
N LYS A 29 13.28 -24.54 -17.41
CA LYS A 29 12.37 -23.56 -16.82
C LYS A 29 12.66 -23.37 -15.32
N SER A 30 12.99 -24.48 -14.65
CA SER A 30 13.34 -24.45 -13.23
C SER A 30 14.60 -23.63 -13.00
N GLN A 31 15.57 -23.79 -13.88
CA GLN A 31 16.81 -23.02 -13.81
C GLN A 31 16.55 -21.55 -14.03
N THR A 32 15.73 -21.25 -15.04
CA THR A 32 15.32 -19.89 -15.31
C THR A 32 14.58 -19.26 -14.14
N ASP A 33 13.65 -19.98 -13.54
CA ASP A 33 12.98 -19.50 -12.31
C ASP A 33 14.00 -19.14 -11.24
N ARG A 34 14.98 -20.02 -11.01
CA ARG A 34 16.01 -19.78 -10.03
C ARG A 34 16.82 -18.50 -10.31
N LEU A 35 17.24 -18.31 -11.56
CA LEU A 35 17.98 -17.08 -11.88
C LEU A 35 17.11 -15.83 -11.71
N GLU A 36 15.82 -15.96 -12.02
CA GLU A 36 14.91 -14.82 -11.92
C GLU A 36 14.75 -14.36 -10.47
N VAL A 37 14.82 -15.28 -9.52
CA VAL A 37 14.84 -14.94 -8.11
C VAL A 37 16.02 -14.01 -7.82
N LEU A 38 17.16 -14.27 -8.47
CA LEU A 38 18.39 -13.55 -8.22
C LEU A 38 18.56 -12.31 -9.08
N LEU A 39 17.71 -12.13 -10.07
CA LEU A 39 17.88 -11.05 -11.03
C LEU A 39 17.32 -9.79 -10.40
N ASN A 40 18.03 -8.67 -10.56
CA ASN A 40 17.49 -7.38 -10.16
C ASN A 40 17.18 -6.60 -11.43
N PRO A 41 16.18 -5.71 -11.36
CA PRO A 41 15.61 -5.08 -12.55
C PRO A 41 16.61 -4.59 -13.61
N LYS A 42 17.68 -3.91 -13.19
CA LYS A 42 18.63 -3.34 -14.15
C LYS A 42 19.94 -4.14 -14.34
N ASP A 43 19.94 -5.46 -14.04
CA ASP A 43 21.09 -6.31 -14.36
C ASP A 43 21.24 -6.39 -15.88
N GLU A 44 22.41 -6.05 -16.39
CA GLU A 44 22.65 -6.09 -17.83
C GLU A 44 23.02 -7.50 -18.35
N ILE A 45 22.96 -8.51 -17.48
CA ILE A 45 23.39 -9.88 -17.84
C ILE A 45 22.39 -10.54 -18.82
N SER A 46 22.92 -11.29 -19.79
CA SER A 46 22.11 -12.03 -20.78
C SER A 46 22.03 -13.51 -20.42
N LEU A 47 20.82 -14.07 -20.42
CA LEU A 47 20.58 -15.48 -20.09
C LEU A 47 20.63 -16.43 -21.31
N ASN A 48 21.53 -16.15 -22.26
CA ASN A 48 21.62 -16.94 -23.50
C ASN A 48 22.93 -16.76 -24.29
N SER A 49 24.03 -16.49 -23.59
CA SER A 49 25.35 -16.35 -24.23
C SER A 49 26.24 -17.55 -23.94
N GLY A 50 25.63 -18.75 -23.94
CA GLY A 50 26.37 -20.00 -23.79
C GLY A 50 26.78 -20.41 -22.39
N LYS A 51 26.85 -19.45 -21.47
CA LYS A 51 27.32 -19.73 -20.11
C LYS A 51 26.41 -20.75 -19.47
N PRO A 52 26.98 -21.77 -18.80
CA PRO A 52 26.12 -22.72 -18.10
C PRO A 52 25.42 -22.08 -16.91
N PHE A 53 24.29 -22.67 -16.54
CA PHE A 53 23.54 -22.28 -15.34
C PHE A 53 24.39 -21.98 -14.12
N ARG A 54 25.29 -22.89 -13.77
CA ARG A 54 26.09 -22.79 -12.58
C ARG A 54 26.88 -21.50 -12.56
N GLU A 55 27.41 -21.11 -13.72
CA GLU A 55 28.18 -19.87 -13.85
C GLU A 55 27.27 -18.64 -13.73
N LEU A 56 26.15 -18.64 -14.45
CA LEU A 56 25.16 -17.56 -14.37
C LEU A 56 24.69 -17.38 -12.94
N GLU A 57 24.35 -18.49 -12.28
CA GLU A 57 23.91 -18.44 -10.90
C GLU A 57 24.98 -17.85 -9.99
N SER A 58 26.21 -18.31 -10.18
CA SER A 58 27.31 -17.87 -9.34
C SER A 58 27.55 -16.35 -9.48
N GLU A 59 27.43 -15.85 -10.70
CA GLU A 59 27.55 -14.41 -10.99
C GLU A 59 26.47 -13.59 -10.26
N LEU A 60 25.23 -14.04 -10.37
CA LEU A 60 24.09 -13.38 -9.73
C LEU A 60 24.15 -13.45 -8.21
N LEU A 61 24.59 -14.59 -7.66
CA LEU A 61 24.76 -14.71 -6.22
C LEU A 61 25.79 -13.68 -5.73
N SER A 62 26.91 -13.61 -6.41
CA SER A 62 27.94 -12.60 -6.11
C SER A 62 27.36 -11.17 -6.10
N ARG A 63 26.62 -10.83 -7.14
CA ARG A 63 26.05 -9.50 -7.24
C ARG A 63 25.04 -9.25 -6.13
N ARG A 64 24.21 -10.23 -5.80
CA ARG A 64 23.18 -9.96 -4.79
C ARG A 64 23.82 -9.84 -3.41
N LYS A 65 24.87 -10.62 -3.15
CA LYS A 65 25.60 -10.50 -1.90
C LYS A 65 26.22 -9.10 -1.80
N LYS A 66 26.79 -8.61 -2.90
CA LYS A 66 27.44 -7.29 -2.87
C LYS A 66 26.35 -6.21 -2.62
N ASP A 67 25.14 -6.38 -3.19
CA ASP A 67 24.03 -5.46 -2.95
C ASP A 67 23.69 -5.41 -1.44
N LEU A 68 23.58 -6.57 -0.80
CA LEU A 68 23.28 -6.57 0.63
C LEU A 68 24.41 -5.94 1.45
N GLN A 69 25.65 -6.21 1.07
CA GLN A 69 26.81 -5.67 1.74
C GLN A 69 26.81 -4.13 1.68
N GLN A 70 26.51 -3.59 0.50
CA GLN A 70 26.40 -2.15 0.26
C GLN A 70 25.30 -1.53 1.15
N ILE A 71 24.12 -2.15 1.21
CA ILE A 71 23.06 -1.65 2.11
C ILE A 71 23.55 -1.64 3.55
N TYR A 72 24.19 -2.73 3.94
CA TYR A 72 24.59 -2.91 5.33
C TYR A 72 25.71 -1.91 5.68
N ALA A 73 26.58 -1.62 4.72
CA ALA A 73 27.70 -0.70 4.97
C ALA A 73 27.24 0.75 5.00
N GLU A 74 26.24 1.10 4.20
CA GLU A 74 25.85 2.50 4.06
C GLU A 74 24.51 2.80 4.75
N GLU A 75 23.39 2.59 4.09
CA GLU A 75 22.14 3.12 4.65
C GLU A 75 21.44 2.31 5.77
N ARG A 76 21.39 1.01 5.58
CA ARG A 76 20.80 0.09 6.55
C ARG A 76 19.28 0.20 6.74
N GLU A 77 18.57 0.93 5.86
CA GLU A 77 17.11 1.08 6.00
C GLU A 77 16.35 0.12 5.13
N ASN A 78 15.26 -0.39 5.69
CA ASN A 78 14.34 -1.22 4.96
C ASN A 78 13.43 -0.34 4.12
N TYR A 79 13.18 -0.73 2.88
CA TYR A 79 12.42 0.11 1.96
C TYR A 79 10.99 0.40 2.42
N LEU A 80 10.34 -0.58 3.02
CA LEU A 80 8.97 -0.44 3.48
C LEU A 80 8.94 0.46 4.68
N GLY A 81 9.89 0.29 5.60
CA GLY A 81 10.01 1.22 6.74
C GLY A 81 10.32 2.64 6.28
N LYS A 82 11.30 2.77 5.41
CA LYS A 82 11.69 4.05 4.90
C LYS A 82 10.58 4.77 4.11
N LEU A 83 9.85 4.05 3.28
CA LEU A 83 8.73 4.64 2.57
C LEU A 83 7.67 5.13 3.55
N GLU A 84 7.38 4.35 4.57
CA GLU A 84 6.45 4.79 5.60
C GLU A 84 6.92 6.10 6.23
N ARG A 85 8.21 6.23 6.50
CA ARG A 85 8.72 7.46 7.11
C ARG A 85 8.64 8.65 6.17
N GLU A 86 8.92 8.43 4.89
CA GLU A 86 8.82 9.51 3.91
C GLU A 86 7.37 9.95 3.70
N ILE A 87 6.45 9.00 3.64
CA ILE A 87 5.04 9.35 3.49
C ILE A 87 4.52 10.09 4.72
N THR A 88 4.92 9.63 5.91
CA THR A 88 4.53 10.25 7.18
C THR A 88 4.95 11.73 7.18
N ARG A 89 6.20 11.97 6.77
CA ARG A 89 6.73 13.32 6.72
CA ARG A 89 6.70 13.33 6.74
C ARG A 89 5.87 14.17 5.78
N PHE A 90 5.53 13.61 4.62
CA PHE A 90 4.77 14.35 3.61
C PHE A 90 3.44 14.79 4.19
N PHE A 91 2.74 13.88 4.82
CA PHE A 91 1.39 14.18 5.34
C PHE A 91 1.39 15.05 6.58
N VAL A 92 2.32 14.78 7.49
CA VAL A 92 2.50 15.65 8.63
C VAL A 92 2.80 17.09 8.20
N ASP A 93 3.72 17.27 7.25
CA ASP A 93 4.07 18.61 6.78
C ASP A 93 2.89 19.31 6.08
N ARG A 94 1.93 18.58 5.57
CA ARG A 94 0.75 19.21 4.94
C ARG A 94 -0.49 19.29 5.85
N GLY A 95 -0.29 19.15 7.16
CA GLY A 95 -1.36 19.45 8.12
C GLY A 95 -2.16 18.25 8.58
N PHE A 96 -1.73 17.03 8.26
CA PHE A 96 -2.49 15.84 8.63
C PHE A 96 -1.96 15.20 9.90
N LEU A 97 -2.87 14.82 10.80
CA LEU A 97 -2.47 14.20 12.07
C LEU A 97 -2.21 12.72 11.86
N GLU A 98 -1.06 12.26 12.33
CA GLU A 98 -0.65 10.85 12.27
C GLU A 98 -1.40 9.98 13.27
N ILE A 99 -2.11 9.00 12.76
CA ILE A 99 -2.87 8.07 13.58
C ILE A 99 -2.15 6.70 13.65
N LYS A 100 -2.14 6.09 14.83
CA LYS A 100 -1.78 4.65 15.02
C LYS A 100 -2.90 3.94 15.79
N SER A 101 -3.75 3.24 15.06
CA SER A 101 -4.95 2.60 15.60
C SER A 101 -4.80 1.09 15.58
N PRO A 102 -5.73 0.37 16.24
CA PRO A 102 -5.55 -1.05 16.37
C PRO A 102 -5.55 -1.79 15.02
N ILE A 103 -4.72 -2.82 14.91
CA ILE A 103 -4.70 -3.70 13.75
C ILE A 103 -5.76 -4.79 13.94
N LEU A 104 -5.89 -5.27 15.17
CA LEU A 104 -6.88 -6.24 15.54
CA LEU A 104 -6.92 -6.24 15.55
C LEU A 104 -8.14 -5.44 15.92
N ILE A 105 -9.22 -5.61 15.13
CA ILE A 105 -10.43 -4.81 15.30
C ILE A 105 -11.67 -5.67 15.45
N PRO A 106 -12.75 -5.10 16.04
CA PRO A 106 -13.94 -5.89 16.19
C PRO A 106 -14.51 -6.29 14.84
N LEU A 107 -14.97 -7.53 14.79
CA LEU A 107 -15.63 -8.04 13.64
C LEU A 107 -16.86 -7.20 13.28
N GLU A 108 -17.56 -6.68 14.30
CA GLU A 108 -18.70 -5.79 14.04
C GLU A 108 -18.36 -4.59 13.14
N TYR A 109 -17.11 -4.13 13.16
CA TYR A 109 -16.73 -2.98 12.30
C TYR A 109 -16.86 -3.31 10.81
N ILE A 110 -16.60 -4.56 10.46
CA ILE A 110 -16.71 -5.03 9.08
C ILE A 110 -18.15 -5.01 8.57
N GLU A 111 -19.07 -5.51 9.39
CA GLU A 111 -20.48 -5.44 9.03
C GLU A 111 -20.89 -4.00 8.96
N ARG A 112 -20.42 -3.19 9.91
CA ARG A 112 -20.81 -1.79 9.93
C ARG A 112 -20.24 -1.06 8.72
N MET A 113 -19.19 -1.62 8.11
CA MET A 113 -18.66 -1.10 6.83
C MET A 113 -19.50 -1.51 5.63
N GLY A 114 -20.62 -2.19 5.86
CA GLY A 114 -21.48 -2.66 4.77
C GLY A 114 -20.99 -3.91 4.07
N ILE A 115 -20.18 -4.73 4.75
CA ILE A 115 -19.65 -5.97 4.20
C ILE A 115 -20.40 -7.13 4.84
N ASP A 116 -21.37 -7.69 4.11
CA ASP A 116 -22.25 -8.72 4.64
C ASP A 116 -21.59 -10.07 4.64
N ASN A 117 -22.12 -10.97 5.46
CA ASN A 117 -21.65 -12.35 5.55
C ASN A 117 -21.68 -13.17 4.24
N ASP A 118 -22.35 -12.65 3.21
CA ASP A 118 -22.35 -13.31 1.88
C ASP A 118 -21.49 -12.59 0.83
N THR A 119 -20.86 -11.47 1.18
CA THR A 119 -20.03 -10.73 0.22
C THR A 119 -18.67 -11.41 -0.01
N GLU A 120 -18.05 -11.12 -1.16
CA GLU A 120 -16.75 -11.70 -1.52
C GLU A 120 -15.63 -11.19 -0.62
N LEU A 121 -15.65 -9.90 -0.28
CA LEU A 121 -14.70 -9.36 0.68
C LEU A 121 -14.92 -10.01 2.06
N SER A 122 -16.14 -10.47 2.37
CA SER A 122 -16.39 -11.12 3.66
C SER A 122 -15.62 -12.42 3.81
N LYS A 123 -15.40 -13.10 2.70
CA LYS A 123 -14.65 -14.36 2.70
C LYS A 123 -13.15 -14.07 2.78
N GLN A 124 -12.74 -12.83 2.58
CA GLN A 124 -11.33 -12.50 2.62
C GLN A 124 -10.85 -12.07 4.00
N ILE A 125 -11.73 -12.08 5.00
CA ILE A 125 -11.40 -11.57 6.32
C ILE A 125 -10.72 -12.64 7.11
N PHE A 126 -9.58 -12.33 7.73
CA PHE A 126 -8.93 -13.18 8.72
C PHE A 126 -9.57 -12.95 10.10
N ARG A 127 -10.39 -13.89 10.53
CA ARG A 127 -11.04 -13.85 11.84
CA ARG A 127 -11.02 -13.81 11.84
C ARG A 127 -10.05 -14.26 12.92
N VAL A 128 -10.17 -13.69 14.11
CA VAL A 128 -9.22 -14.07 15.17
C VAL A 128 -9.89 -14.74 16.38
N ASP A 129 -10.93 -14.17 16.96
CA ASP A 129 -11.66 -14.94 17.99
C ASP A 129 -13.10 -15.08 17.54
N LYS A 130 -14.01 -15.18 18.50
CA LYS A 130 -15.41 -15.04 18.21
C LYS A 130 -15.63 -13.64 17.64
N ASN A 131 -14.90 -12.65 18.18
CA ASN A 131 -15.30 -11.28 18.05
C ASN A 131 -14.39 -10.33 17.27
N PHE A 132 -13.22 -10.79 16.86
CA PHE A 132 -12.20 -9.93 16.27
C PHE A 132 -11.74 -10.41 14.92
N CYS A 133 -11.02 -9.55 14.19
CA CYS A 133 -10.43 -9.86 12.91
C CYS A 133 -9.21 -8.99 12.70
N LEU A 134 -8.36 -9.36 11.74
CA LEU A 134 -7.29 -8.49 11.28
C LEU A 134 -7.93 -7.50 10.32
N ARG A 135 -7.67 -6.21 10.51
CA ARG A 135 -8.36 -5.22 9.70
C ARG A 135 -7.98 -5.42 8.25
N PRO A 136 -8.97 -5.43 7.35
CA PRO A 136 -8.67 -5.50 5.93
C PRO A 136 -8.52 -4.15 5.28
N MET A 137 -8.79 -3.09 6.05
CA MET A 137 -8.75 -1.72 5.56
C MET A 137 -8.72 -0.77 6.75
N LEU A 138 -8.33 0.49 6.50
CA LEU A 138 -8.16 1.49 7.58
C LEU A 138 -9.45 2.29 7.88
N ALA A 139 -10.41 2.26 6.97
CA ALA A 139 -11.61 3.10 7.06
C ALA A 139 -12.36 3.09 8.41
N PRO A 140 -12.63 1.90 8.98
CA PRO A 140 -13.46 1.93 10.21
C PRO A 140 -12.83 2.69 11.36
N ASN A 141 -11.54 2.46 11.64
CA ASN A 141 -10.89 3.20 12.69
C ASN A 141 -10.76 4.68 12.35
N LEU A 142 -10.55 5.00 11.09
CA LEU A 142 -10.45 6.41 10.72
C LEU A 142 -11.80 7.14 10.82
N TYR A 143 -12.88 6.46 10.49
CA TYR A 143 -14.21 6.98 10.71
C TYR A 143 -14.38 7.34 12.18
N ASN A 144 -14.03 6.42 13.08
CA ASN A 144 -14.18 6.69 14.51
C ASN A 144 -13.30 7.87 14.95
N TYR A 145 -12.06 7.94 14.45
CA TYR A 145 -11.21 9.10 14.74
C TYR A 145 -11.81 10.42 14.25
N LEU A 146 -12.38 10.40 13.05
CA LEU A 146 -12.98 11.59 12.51
C LEU A 146 -14.14 12.08 13.38
N ARG A 147 -14.99 11.17 13.86
CA ARG A 147 -16.12 11.55 14.71
C ARG A 147 -15.58 12.09 16.03
N LYS A 148 -14.63 11.40 16.64
CA LYS A 148 -14.13 11.82 17.94
C LYS A 148 -13.40 13.17 17.90
N LEU A 149 -12.59 13.35 16.88
CA LEU A 149 -11.74 14.52 16.82
C LEU A 149 -12.53 15.75 16.44
N ASP A 150 -13.70 15.55 15.82
CA ASP A 150 -14.57 16.69 15.47
C ASP A 150 -15.04 17.47 16.73
N ARG A 151 -14.96 16.84 17.89
CA ARG A 151 -15.30 17.50 19.14
C ARG A 151 -14.16 18.34 19.71
N ALA A 152 -12.94 18.16 19.20
CA ALA A 152 -11.75 18.83 19.74
C ALA A 152 -11.03 19.77 18.77
N LEU A 153 -11.02 19.43 17.49
CA LEU A 153 -10.10 20.08 16.56
C LEU A 153 -10.84 21.01 15.61
N PRO A 154 -10.17 22.08 15.13
CA PRO A 154 -10.85 23.02 14.24
C PRO A 154 -10.99 22.43 12.84
N ASP A 155 -11.99 22.94 12.15
CA ASP A 155 -12.30 22.61 10.78
C ASP A 155 -11.21 23.16 9.85
N PRO A 156 -10.74 22.35 8.90
CA PRO A 156 -11.12 20.97 8.61
C PRO A 156 -10.27 19.98 9.40
N ILE A 157 -10.79 18.78 9.58
CA ILE A 157 -10.10 17.72 10.28
C ILE A 157 -9.30 16.93 9.22
N LYS A 158 -7.98 16.88 9.39
CA LYS A 158 -7.09 16.19 8.47
C LYS A 158 -6.27 15.14 9.21
N ILE A 159 -6.43 13.85 8.84
CA ILE A 159 -5.74 12.73 9.50
C ILE A 159 -5.24 11.70 8.48
N PHE A 160 -4.30 10.87 8.89
CA PHE A 160 -3.87 9.74 8.07
C PHE A 160 -3.37 8.64 8.94
N GLU A 161 -3.38 7.44 8.39
CA GLU A 161 -2.69 6.33 9.04
C GLU A 161 -1.95 5.53 8.00
N ILE A 162 -0.81 4.97 8.40
CA ILE A 162 -0.11 3.97 7.64
C ILE A 162 0.04 2.74 8.52
N GLY A 163 -0.32 1.59 7.99
CA GLY A 163 0.00 0.37 8.66
C GLY A 163 -0.58 -0.89 8.05
N PRO A 164 -0.29 -2.04 8.69
CA PRO A 164 -0.67 -3.35 8.19
C PRO A 164 -2.18 -3.54 8.02
N CYS A 165 -2.56 -4.16 6.92
CA CYS A 165 -3.91 -4.66 6.65
C CYS A 165 -3.77 -6.05 6.02
N TYR A 166 -4.85 -6.81 6.07
CA TYR A 166 -4.89 -8.24 5.79
C TYR A 166 -6.14 -8.65 5.02
N ARG A 167 -5.90 -9.35 3.93
CA ARG A 167 -6.97 -9.94 3.13
C ARG A 167 -6.52 -11.29 2.57
N LYS A 168 -7.30 -12.35 2.78
CA LYS A 168 -7.06 -13.64 2.10
C LYS A 168 -7.26 -13.41 0.61
N GLU A 169 -6.24 -13.63 -0.21
CA GLU A 169 -6.30 -13.27 -1.64
C GLU A 169 -6.20 -14.53 -2.49
N GLY A 172 -2.10 -13.04 -6.33
CA GLY A 172 -1.32 -13.23 -7.55
C GLY A 172 -0.10 -12.34 -7.60
N LYS A 173 0.17 -11.77 -8.78
CA LYS A 173 1.35 -10.92 -9.00
C LYS A 173 1.19 -9.46 -8.53
N GLU A 174 -0.05 -9.07 -8.14
CA GLU A 174 -0.35 -7.72 -7.60
C GLU A 174 -0.99 -7.69 -6.19
N HIS A 175 -1.35 -8.85 -5.64
CA HIS A 175 -2.02 -8.92 -4.33
C HIS A 175 -1.22 -9.73 -3.28
N LEU A 176 -1.18 -9.22 -2.06
CA LEU A 176 -0.51 -9.86 -0.95
C LEU A 176 -1.57 -10.16 0.07
N GLU A 177 -1.34 -11.12 0.96
CA GLU A 177 -2.30 -11.33 2.02
C GLU A 177 -2.06 -10.35 3.14
N GLU A 178 -0.79 -9.98 3.31
CA GLU A 178 -0.34 -9.06 4.34
C GLU A 178 0.26 -7.87 3.62
N PHE A 179 -0.38 -6.71 3.72
CA PHE A 179 0.08 -5.50 3.04
C PHE A 179 0.04 -4.27 3.95
N THR A 180 0.44 -3.13 3.41
CA THR A 180 0.57 -1.94 4.20
C THR A 180 -0.18 -0.85 3.47
N MET A 181 -1.17 -0.29 4.14
CA MET A 181 -1.94 0.79 3.55
C MET A 181 -1.56 2.13 4.11
N LEU A 182 -1.54 3.14 3.24
CA LEU A 182 -1.70 4.54 3.62
C LEU A 182 -3.16 4.94 3.35
N ASN A 183 -3.85 5.52 4.33
CA ASN A 183 -5.15 6.14 4.08
C ASN A 183 -5.10 7.51 4.69
N PHE A 184 -5.45 8.52 3.89
CA PHE A 184 -5.59 9.88 4.41
C PHE A 184 -7.02 10.33 4.21
N CYS A 185 -7.43 11.29 5.06
CA CYS A 185 -8.81 11.82 5.09
C CYS A 185 -8.81 13.28 5.43
N GLN A 186 -9.72 14.04 4.82
CA GLN A 186 -10.04 15.36 5.29
C GLN A 186 -11.56 15.45 5.43
N MET A 187 -12.05 16.12 6.47
CA MET A 187 -13.50 16.25 6.73
C MET A 187 -13.84 17.68 7.16
N GLY A 188 -14.91 18.24 6.57
CA GLY A 188 -15.36 19.62 6.85
C GLY A 188 -15.19 20.46 5.58
N SER A 189 -14.53 21.61 5.70
CA SER A 189 -14.34 22.49 4.56
C SER A 189 -13.28 21.97 3.59
N GLY A 190 -13.38 22.39 2.31
CA GLY A 190 -12.35 22.07 1.34
C GLY A 190 -12.34 20.64 0.83
N CYS A 191 -13.42 19.91 1.08
CA CYS A 191 -13.51 18.52 0.68
C CYS A 191 -14.03 18.37 -0.74
N THR A 192 -13.22 18.84 -1.68
CA THR A 192 -13.59 18.80 -3.10
C THR A 192 -12.78 17.79 -3.89
N ARG A 193 -13.36 17.38 -5.02
CA ARG A 193 -12.67 16.55 -5.97
C ARG A 193 -11.35 17.16 -6.40
N GLU A 194 -11.36 18.44 -6.73
CA GLU A 194 -10.13 19.12 -7.11
C GLU A 194 -9.07 19.06 -5.99
N ASN A 195 -9.47 19.24 -4.74
CA ASN A 195 -8.49 19.19 -3.62
C ASN A 195 -7.94 17.77 -3.48
N LEU A 196 -8.81 16.78 -3.61
CA LEU A 196 -8.40 15.40 -3.50
C LEU A 196 -7.37 15.10 -4.59
N GLU A 197 -7.71 15.44 -5.83
CA GLU A 197 -6.79 15.20 -6.94
C GLU A 197 -5.44 15.92 -6.79
N SER A 198 -5.47 17.10 -6.20
CA SER A 198 -4.24 17.88 -6.01
C SER A 198 -3.34 17.24 -4.95
N ILE A 199 -3.93 16.71 -3.88
CA ILE A 199 -3.16 16.03 -2.88
C ILE A 199 -2.55 14.76 -3.47
N ILE A 200 -3.35 13.97 -4.18
CA ILE A 200 -2.85 12.78 -4.85
C ILE A 200 -1.70 13.12 -5.81
N THR A 201 -1.87 14.21 -6.57
CA THR A 201 -0.88 14.62 -7.55
C THR A 201 0.45 15.05 -6.89
N ASP A 202 0.36 15.91 -5.86
CA ASP A 202 1.55 16.37 -5.12
CA ASP A 202 1.54 16.36 -5.10
C ASP A 202 2.25 15.16 -4.50
N PHE A 203 1.47 14.26 -3.92
CA PHE A 203 2.01 13.07 -3.26
C PHE A 203 2.83 12.19 -4.19
N LEU A 204 2.23 11.81 -5.32
CA LEU A 204 2.91 10.90 -6.24
C LEU A 204 4.03 11.57 -7.01
N ASN A 205 3.92 12.86 -7.33
CA ASN A 205 5.05 13.57 -7.94
C ASN A 205 6.23 13.73 -6.97
N HIS A 206 5.91 13.85 -5.68
CA HIS A 206 6.91 13.83 -4.60
C HIS A 206 7.61 12.47 -4.57
N LEU A 207 6.86 11.37 -4.63
CA LEU A 207 7.48 10.05 -4.63
C LEU A 207 8.18 9.68 -5.94
N GLY A 208 7.91 10.39 -7.03
CA GLY A 208 8.44 10.04 -8.33
C GLY A 208 7.73 8.88 -9.01
N ILE A 209 6.40 8.79 -8.84
CA ILE A 209 5.61 7.67 -9.38
C ILE A 209 4.60 8.18 -10.40
N ASP A 210 4.69 7.66 -11.62
CA ASP A 210 3.84 8.07 -12.73
C ASP A 210 2.43 7.54 -12.53
N PHE A 211 1.43 8.32 -12.91
CA PHE A 211 0.05 7.91 -12.65
C PHE A 211 -0.93 8.64 -13.56
N LYS A 212 -2.15 8.12 -13.59
CA LYS A 212 -3.31 8.82 -14.16
C LYS A 212 -4.49 8.58 -13.21
N ILE A 213 -5.36 9.56 -13.10
CA ILE A 213 -6.54 9.47 -12.26
C ILE A 213 -7.71 9.20 -13.19
N VAL A 214 -8.43 8.11 -12.97
CA VAL A 214 -9.60 7.76 -13.78
C VAL A 214 -10.86 7.82 -12.92
N GLY A 215 -11.88 8.50 -13.42
CA GLY A 215 -13.22 8.44 -12.84
C GLY A 215 -14.24 8.85 -13.88
N ASP A 216 -15.50 8.43 -13.70
CA ASP A 216 -16.59 8.97 -14.51
C ASP A 216 -16.72 10.46 -14.14
N SER A 217 -16.57 11.33 -15.13
CA SER A 217 -16.34 12.76 -14.86
C SER A 217 -17.58 13.63 -14.55
N CYS A 218 -18.73 13.03 -14.25
CA CYS A 218 -19.95 13.78 -13.92
C CYS A 218 -20.47 13.48 -12.52
N TYR A 221 -19.00 14.94 -5.13
CA TYR A 221 -19.72 14.16 -4.14
C TYR A 221 -20.05 12.77 -4.70
N GLY A 222 -19.87 11.73 -3.88
CA GLY A 222 -20.19 10.36 -4.28
C GLY A 222 -19.11 9.66 -5.10
N ASP A 223 -18.36 10.42 -5.91
CA ASP A 223 -17.35 9.85 -6.84
C ASP A 223 -16.40 8.87 -6.15
N THR A 224 -16.08 7.78 -6.85
CA THR A 224 -14.85 7.02 -6.66
C THR A 224 -13.93 7.27 -7.85
N LEU A 225 -12.65 7.42 -7.56
CA LEU A 225 -11.63 7.70 -8.53
C LEU A 225 -10.59 6.60 -8.36
N ASP A 226 -10.10 6.07 -9.47
CA ASP A 226 -8.96 5.15 -9.39
C ASP A 226 -7.68 5.84 -9.88
N VAL A 227 -6.61 5.65 -9.11
CA VAL A 227 -5.29 6.13 -9.45
C VAL A 227 -4.51 4.96 -9.97
N MET A 228 -4.17 5.04 -11.27
CA MET A 228 -3.64 3.92 -12.01
C MET A 228 -2.20 4.20 -12.41
N HIS A 229 -1.40 3.14 -12.37
CA HIS A 229 -0.10 3.13 -13.00
C HIS A 229 -0.18 2.08 -14.08
N GLY A 230 -0.34 2.49 -15.33
CA GLY A 230 -0.65 1.52 -16.41
C GLY A 230 -1.86 0.74 -15.96
N ASP A 231 -1.77 -0.58 -15.94
CA ASP A 231 -2.87 -1.45 -15.52
C ASP A 231 -2.96 -1.69 -14.02
N LEU A 232 -2.00 -1.15 -13.27
CA LEU A 232 -1.93 -1.42 -11.83
C LEU A 232 -2.65 -0.33 -11.08
N GLU A 233 -3.59 -0.71 -10.20
CA GLU A 233 -4.28 0.25 -9.35
C GLU A 233 -3.38 0.60 -8.16
N LEU A 234 -3.06 1.88 -8.04
CA LEU A 234 -2.30 2.36 -6.88
C LEU A 234 -3.25 2.77 -5.76
N SER A 235 -4.39 3.33 -6.12
CA SER A 235 -5.32 3.77 -5.10
C SER A 235 -6.75 3.80 -5.59
N SER A 236 -7.66 3.62 -4.63
CA SER A 236 -9.08 4.04 -4.74
C SER A 236 -9.28 5.25 -3.83
N ALA A 237 -9.98 6.24 -4.37
CA ALA A 237 -10.19 7.49 -3.68
C ALA A 237 -11.66 7.81 -3.70
N VAL A 238 -12.13 8.49 -2.66
CA VAL A 238 -13.54 8.80 -2.53
C VAL A 238 -13.74 10.28 -2.19
N VAL A 239 -14.69 10.89 -2.88
CA VAL A 239 -15.24 12.21 -2.52
C VAL A 239 -16.57 11.93 -1.83
N GLY A 240 -16.63 12.14 -0.52
CA GLY A 240 -17.87 12.03 0.24
C GLY A 240 -18.68 13.32 0.11
N PRO A 241 -19.81 13.41 0.82
CA PRO A 241 -20.32 12.32 1.68
C PRO A 241 -20.88 11.13 0.88
N ILE A 242 -20.98 9.98 1.54
CA ILE A 242 -21.64 8.78 1.02
C ILE A 242 -22.62 8.24 2.08
N PRO A 243 -23.60 7.41 1.68
CA PRO A 243 -24.59 6.98 2.68
C PRO A 243 -24.03 6.23 3.90
N LEU A 244 -22.91 5.52 3.72
CA LEU A 244 -22.28 4.82 4.82
C LEU A 244 -21.94 5.74 6.02
N ASP A 245 -21.72 7.02 5.76
CA ASP A 245 -21.19 7.90 6.79
C ASP A 245 -22.03 7.92 8.06
N ARG A 246 -23.35 7.90 7.89
CA ARG A 246 -24.25 7.98 9.05
C ARG A 246 -24.14 6.78 10.02
N GLU A 247 -23.81 5.60 9.49
CA GLU A 247 -23.49 4.43 10.33
C GLU A 247 -22.33 4.71 11.30
N TRP A 248 -21.48 5.66 10.97
CA TRP A 248 -20.31 6.02 11.78
C TRP A 248 -20.45 7.38 12.49
N GLY A 249 -21.65 7.96 12.49
CA GLY A 249 -21.88 9.23 13.15
C GLY A 249 -21.21 10.38 12.46
N ILE A 250 -20.97 10.23 11.17
CA ILE A 250 -20.34 11.27 10.35
C ILE A 250 -21.46 11.89 9.49
N ASP A 251 -21.52 13.22 9.45
CA ASP A 251 -22.49 13.95 8.64
CA ASP A 251 -22.49 13.96 8.63
C ASP A 251 -21.87 15.25 8.08
N LYS A 252 -20.59 15.19 7.68
CA LYS A 252 -19.90 16.34 7.05
C LYS A 252 -19.28 15.90 5.75
N PRO A 253 -19.03 16.85 4.82
CA PRO A 253 -18.26 16.51 3.62
C PRO A 253 -16.88 15.91 4.00
N TRP A 254 -16.35 15.04 3.16
CA TRP A 254 -15.04 14.48 3.37
C TRP A 254 -14.46 13.98 2.06
N ILE A 255 -13.14 13.88 2.02
CA ILE A 255 -12.41 13.26 0.92
C ILE A 255 -11.36 12.32 1.47
N GLY A 256 -10.97 11.33 0.69
CA GLY A 256 -9.93 10.42 1.17
C GLY A 256 -9.43 9.47 0.11
N ALA A 257 -8.29 8.85 0.38
CA ALA A 257 -7.76 7.83 -0.48
C ALA A 257 -6.86 6.85 0.30
N GLY A 258 -6.80 5.61 -0.21
CA GLY A 258 -5.92 4.57 0.31
C GLY A 258 -4.98 4.09 -0.77
N PHE A 259 -3.70 3.99 -0.40
CA PHE A 259 -2.63 3.51 -1.27
C PHE A 259 -1.90 2.35 -0.59
N GLY A 260 -1.65 1.31 -1.37
CA GLY A 260 -0.83 0.20 -0.93
C GLY A 260 0.64 0.51 -1.03
N LEU A 261 1.36 0.48 0.07
CA LEU A 261 2.80 0.82 0.02
C LEU A 261 3.61 -0.18 -0.82
N GLU A 262 3.27 -1.45 -0.74
CA GLU A 262 3.98 -2.48 -1.54
C GLU A 262 3.82 -2.23 -3.04
N ARG A 263 2.63 -1.80 -3.47
CA ARG A 263 2.44 -1.37 -4.88
C ARG A 263 3.27 -0.17 -5.28
N LEU A 264 3.32 0.85 -4.41
CA LEU A 264 4.18 1.98 -4.68
C LEU A 264 5.64 1.54 -4.82
N LEU A 265 6.11 0.68 -3.91
CA LEU A 265 7.48 0.19 -4.02
C LEU A 265 7.72 -0.61 -5.30
N LYS A 266 6.77 -1.48 -5.63
CA LYS A 266 6.86 -2.28 -6.83
C LYS A 266 7.09 -1.40 -8.03
N VAL A 267 6.34 -0.30 -8.10
CA VAL A 267 6.45 0.60 -9.23
C VAL A 267 7.75 1.37 -9.14
N LYS A 268 8.05 1.92 -7.98
CA LYS A 268 9.24 2.75 -7.86
C LYS A 268 10.53 1.98 -8.16
N HIS A 269 10.59 0.72 -7.72
CA HIS A 269 11.83 -0.07 -7.88
C HIS A 269 11.75 -1.00 -9.06
N ASP A 270 10.63 -0.95 -9.79
CA ASP A 270 10.43 -1.76 -10.98
C ASP A 270 10.52 -3.26 -10.67
N PHE A 271 10.01 -3.68 -9.52
CA PHE A 271 9.98 -5.11 -9.23
C PHE A 271 8.97 -5.80 -10.14
N LYS A 272 9.35 -6.94 -10.70
CA LYS A 272 8.42 -7.73 -11.52
C LYS A 272 7.32 -8.35 -10.69
N ASN A 273 7.64 -8.69 -9.45
CA ASN A 273 6.70 -9.31 -8.53
C ASN A 273 6.54 -8.55 -7.24
N ILE A 274 5.30 -8.28 -6.85
CA ILE A 274 5.03 -7.54 -5.62
C ILE A 274 5.54 -8.18 -4.32
N LYS A 275 5.71 -9.49 -4.31
CA LYS A 275 6.33 -10.19 -3.15
C LYS A 275 7.71 -9.63 -2.80
N ARG A 276 8.40 -9.04 -3.78
CA ARG A 276 9.69 -8.35 -3.53
C ARG A 276 9.60 -7.10 -2.68
N ALA A 277 8.39 -6.53 -2.60
CA ALA A 277 8.14 -5.31 -1.83
C ALA A 277 7.52 -5.60 -0.46
N ALA A 278 7.23 -6.87 -0.15
CA ALA A 278 6.47 -7.22 1.04
C ALA A 278 7.35 -7.46 2.25
N ARG A 279 6.74 -7.35 3.43
CA ARG A 279 7.27 -7.96 4.66
C ARG A 279 7.57 -9.39 4.35
N SER A 280 8.78 -9.84 4.58
CA SER A 280 9.18 -11.13 4.01
C SER A 280 10.42 -11.64 4.67
N GLU A 281 10.60 -12.95 4.65
CA GLU A 281 11.87 -13.61 5.01
C GLU A 281 12.66 -14.05 3.75
N SER A 282 12.07 -13.86 2.58
CA SER A 282 12.62 -14.30 1.28
C SER A 282 13.24 -13.19 0.48
N TYR A 283 12.79 -11.97 0.74
CA TYR A 283 13.35 -10.79 0.09
C TYR A 283 13.61 -9.67 1.09
N TYR A 284 14.70 -8.94 0.87
CA TYR A 284 15.10 -7.79 1.67
C TYR A 284 15.39 -6.67 0.68
N ASN A 285 14.56 -5.61 0.72
CA ASN A 285 14.67 -4.53 -0.26
C ASN A 285 14.71 -5.08 -1.70
N GLY A 286 13.90 -6.10 -1.96
CA GLY A 286 13.81 -6.72 -3.29
C GLY A 286 15.00 -7.60 -3.68
N ILE A 287 15.90 -7.86 -2.74
CA ILE A 287 17.03 -8.76 -2.93
C ILE A 287 16.74 -10.08 -2.26
N SER A 288 16.90 -11.17 -3.02
CA SER A 288 16.72 -12.50 -2.44
C SER A 288 17.59 -12.69 -1.21
N THR A 289 17.04 -13.24 -0.13
CA THR A 289 17.81 -13.58 1.03
C THR A 289 18.27 -15.05 1.01
N ASN A 290 17.96 -15.78 -0.06
CA ASN A 290 18.31 -17.19 -0.19
C ASN A 290 19.54 -17.30 -1.08
N LEU A 291 20.68 -17.03 -0.47
CA LEU A 291 21.93 -16.85 -1.21
C LEU A 291 22.95 -17.91 -0.83
C YLA B . -9.91 0.74 0.48
N YLA B . -8.94 2.68 1.57
O YLA B . -10.97 0.71 1.10
N1 YLA B . -2.27 -6.38 -1.65
O1 YLA B . -11.68 6.60 4.40
C2 YLA B . -1.56 -5.23 -1.85
C3 YLA B . -13.00 6.67 4.93
N3 YLA B . -2.15 -4.02 -1.92
C4 YLA B . -3.51 -3.93 -1.73
C5 YLA B . -4.34 -5.14 -1.52
C6 YLA B . -3.61 -6.43 -1.48
N6 YLA B . -4.30 -7.57 -1.27
C7 YLA B . -12.90 6.83 6.37
N7 YLA B . -5.62 -4.77 -1.39
C8 YLA B . -5.63 -3.41 -1.52
C9 YLA B . -12.83 6.98 7.62
N9 YLA B . -4.37 -2.93 -1.74
CA YLA B . -9.19 2.07 0.28
CB YLA B . -9.93 2.99 -0.69
C1' YLA B . -3.95 -1.53 -1.92
C2' YLA B . -3.97 -1.08 -3.35
O2' YLA B . -3.02 -0.02 -3.55
C3' YLA B . -5.38 -0.54 -3.52
O3' YLA B . -5.50 0.36 -4.60
C4' YLA B . -5.55 0.16 -2.20
O4' YLA B . -4.91 -0.72 -1.25
C5' YLA B . -6.98 0.41 -1.79
O5' YLA B . -7.75 -0.72 -2.13
OAD YLA B . -11.96 4.88 2.88
OAF YLA B . -9.61 -2.29 -1.75
OAI YLA B . -9.99 0.20 -2.43
CAM YLA B . -10.21 5.22 0.45
CAN YLA B . -10.92 3.96 -0.04
CAO YLA B . -11.20 6.33 0.70
NAW YLA B . -11.16 6.81 2.07
OAY YLA B . -9.31 -0.49 -0.06
CBA YLA B . -11.59 6.03 3.06
PBN YLA B . -9.26 -0.84 -1.63
MG MG C . -10.02 -0.87 -5.00
C1 EDO D . 11.45 4.05 0.07
O1 EDO D . 11.76 5.38 -0.30
C2 EDO D . 12.34 3.11 -0.70
O2 EDO D . 12.19 3.43 -2.06
C1 EDO E . -18.90 14.93 11.64
O1 EDO E . -20.32 15.03 11.46
C2 EDO E . -18.59 14.15 12.90
O2 EDO E . -19.28 14.71 14.01
C1 EDO F . 10.59 -4.89 0.83
O1 EDO F . 11.44 -4.63 -0.30
C2 EDO F . 11.35 -4.60 2.09
O2 EDO F . 12.14 -5.71 2.53
C1 EDO G . -14.67 3.51 18.49
O1 EDO G . -15.82 4.36 18.57
C2 EDO G . -14.28 2.90 19.83
O2 EDO G . -14.28 3.94 20.79
C1 EDO H . -0.57 6.09 -16.10
O1 EDO H . -1.06 4.88 -16.68
C2 EDO H . 0.95 6.05 -16.05
O2 EDO H . 1.40 4.95 -15.25
#